data_8II1
#
_entry.id   8II1
#
_cell.length_a   43.066
_cell.length_b   85.529
_cell.length_c   63.640
_cell.angle_alpha   90.00
_cell.angle_beta   90.00
_cell.angle_gamma   90.00
#
_symmetry.space_group_name_H-M   'P 21 21 2'
#
loop_
_entity.id
_entity.type
_entity.pdbx_description
1 polymer Transthyretin
2 non-polymer Benziodarone
3 water water
#
_entity_poly.entity_id   1
_entity_poly.type   'polypeptide(L)'
_entity_poly.pdbx_seq_one_letter_code
;MRGSHHHHHHGSMASHRLLLLCLAGLVFVSEAGPTGTGESKCPLMVKVLDAVRGSPAINVAMHVFRKAADDTWEPFASGK
TSESGELHGLTTEEEFVEGIYKVEIDTKSYWKALGISPFHEHAEVVFTANDSGPRRYTIAALLSPYSYSTTAVVTNPKE
;
_entity_poly.pdbx_strand_id   A,B
#
loop_
_chem_comp.id
_chem_comp.type
_chem_comp.name
_chem_comp.formula
PJO non-polymer Benziodarone 'C17 H12 I2 O3'
#
# COMPACT_ATOMS: atom_id res chain seq x y z
N CYS A 42 -15.95 -2.50 -18.28
CA CYS A 42 -15.34 -1.93 -17.09
C CYS A 42 -14.04 -2.66 -16.84
N PRO A 43 -12.94 -2.12 -17.36
CA PRO A 43 -11.63 -2.78 -17.19
C PRO A 43 -10.98 -2.55 -15.85
N LEU A 44 -11.43 -1.57 -15.06
CA LEU A 44 -10.81 -1.29 -13.76
C LEU A 44 -11.91 -0.96 -12.78
N MET A 45 -12.09 -1.79 -11.75
CA MET A 45 -13.06 -1.52 -10.71
C MET A 45 -12.35 -1.61 -9.37
N VAL A 46 -12.83 -0.85 -8.37
CA VAL A 46 -12.24 -0.84 -7.04
C VAL A 46 -13.33 -1.08 -6.01
N LYS A 47 -13.09 -2.02 -5.09
CA LYS A 47 -14.09 -2.38 -4.10
C LYS A 47 -13.46 -2.25 -2.73
N VAL A 48 -14.15 -1.59 -1.79
CA VAL A 48 -13.60 -1.29 -0.48
C VAL A 48 -14.56 -1.77 0.59
N LEU A 49 -14.05 -2.56 1.55
CA LEU A 49 -14.85 -3.09 2.64
C LEU A 49 -14.31 -2.58 3.97
N ASP A 50 -15.22 -2.48 4.95
CA ASP A 50 -14.91 -2.07 6.31
C ASP A 50 -14.94 -3.31 7.21
N ALA A 51 -13.78 -3.65 7.80
CA ALA A 51 -13.60 -4.82 8.63
C ALA A 51 -14.07 -4.61 10.07
N VAL A 52 -14.32 -3.36 10.46
CA VAL A 52 -14.85 -3.06 11.80
C VAL A 52 -16.37 -3.18 11.82
N ARG A 53 -17.04 -2.67 10.81
CA ARG A 53 -18.50 -2.71 10.78
C ARG A 53 -19.04 -3.90 10.01
N GLY A 54 -18.20 -4.57 9.21
CA GLY A 54 -18.69 -5.67 8.38
C GLY A 54 -19.61 -5.15 7.32
N SER A 55 -19.15 -4.18 6.54
CA SER A 55 -20.02 -3.51 5.59
C SER A 55 -19.16 -3.02 4.45
N PRO A 56 -19.77 -2.64 3.34
CA PRO A 56 -19.02 -1.89 2.33
C PRO A 56 -18.52 -0.60 2.96
N ALA A 57 -17.40 -0.09 2.48
CA ALA A 57 -16.92 1.23 2.90
C ALA A 57 -17.43 2.27 1.91
N ILE A 58 -18.35 3.12 2.36
CA ILE A 58 -19.15 3.98 1.49
C ILE A 58 -18.47 5.33 1.39
N ASN A 59 -18.50 5.94 0.21
CA ASN A 59 -18.03 7.31 0.03
C ASN A 59 -16.53 7.44 0.26
N VAL A 60 -15.78 6.42 -0.12
CA VAL A 60 -14.33 6.42 0.02
C VAL A 60 -13.75 7.01 -1.26
N ALA A 61 -13.03 8.12 -1.12
CA ALA A 61 -12.45 8.76 -2.28
C ALA A 61 -11.17 8.05 -2.67
N MET A 62 -10.84 8.12 -3.97
CA MET A 62 -9.57 7.57 -4.42
C MET A 62 -9.17 8.23 -5.72
N HIS A 63 -7.86 8.31 -5.95
CA HIS A 63 -7.28 8.85 -7.17
C HIS A 63 -6.41 7.79 -7.83
N VAL A 64 -6.49 7.70 -9.15
CA VAL A 64 -5.70 6.75 -9.93
C VAL A 64 -4.70 7.57 -10.74
N PHE A 65 -3.44 7.15 -10.72
CA PHE A 65 -2.37 7.82 -11.44
C PHE A 65 -1.72 6.82 -12.39
N ARG A 66 -1.08 7.34 -13.44
CA ARG A 66 -0.36 6.49 -14.38
C ARG A 66 1.04 7.05 -14.56
N LYS A 67 2.05 6.19 -14.55
CA LYS A 67 3.42 6.68 -14.60
C LYS A 67 3.71 7.13 -16.04
N ALA A 68 4.10 8.39 -16.20
CA ALA A 68 4.41 8.92 -17.52
C ALA A 68 5.84 8.57 -17.92
N ALA A 69 6.18 8.92 -19.17
CA ALA A 69 7.49 8.57 -19.72
C ALA A 69 8.64 9.23 -18.96
N ASP A 70 8.42 10.42 -18.41
CA ASP A 70 9.42 11.06 -17.57
C ASP A 70 9.45 10.50 -16.16
N ASP A 71 8.72 9.41 -15.91
CA ASP A 71 8.70 8.71 -14.63
C ASP A 71 7.97 9.48 -13.51
N THR A 72 7.12 10.45 -13.84
CA THR A 72 6.26 11.09 -12.85
C THR A 72 4.86 10.52 -12.90
N TRP A 73 4.14 10.68 -11.78
CA TRP A 73 2.75 10.20 -11.68
C TRP A 73 1.81 11.21 -12.31
N GLU A 74 1.10 10.81 -13.36
CA GLU A 74 0.12 11.70 -13.99
C GLU A 74 -1.30 11.30 -13.58
N PRO A 75 -2.15 12.30 -13.32
CA PRO A 75 -3.56 12.00 -12.98
C PRO A 75 -4.23 11.16 -14.05
N PHE A 76 -4.93 10.11 -13.62
CA PHE A 76 -5.59 9.23 -14.58
C PHE A 76 -7.10 9.22 -14.44
N ALA A 77 -7.62 9.08 -13.22
CA ALA A 77 -9.06 9.04 -12.99
C ALA A 77 -9.27 9.10 -11.49
N SER A 78 -10.51 9.36 -11.08
CA SER A 78 -10.83 9.44 -9.64
C SER A 78 -12.32 9.30 -9.46
N GLY A 79 -12.71 9.11 -8.20
CA GLY A 79 -14.11 8.82 -7.89
C GLY A 79 -14.24 8.45 -6.43
N LYS A 80 -15.46 8.11 -6.04
CA LYS A 80 -15.68 7.59 -4.70
C LYS A 80 -16.59 6.37 -4.75
N THR A 81 -16.45 5.52 -3.75
CA THR A 81 -17.20 4.28 -3.73
C THR A 81 -18.67 4.57 -3.47
N SER A 82 -19.50 3.71 -4.01
CA SER A 82 -20.95 3.85 -3.91
C SER A 82 -21.45 3.17 -2.64
N GLU A 83 -22.79 3.02 -2.55
CA GLU A 83 -23.40 2.34 -1.41
C GLU A 83 -22.98 0.88 -1.32
N SER A 84 -22.52 0.28 -2.42
CA SER A 84 -22.05 -1.10 -2.36
C SER A 84 -20.55 -1.18 -2.11
N GLY A 85 -19.89 -0.05 -1.88
CA GLY A 85 -18.45 -0.05 -1.68
C GLY A 85 -17.66 -0.19 -2.96
N GLU A 86 -18.32 -0.06 -4.12
CA GLU A 86 -17.69 -0.25 -5.41
C GLU A 86 -17.61 1.07 -6.16
N LEU A 87 -16.55 1.20 -6.95
CA LEU A 87 -16.33 2.36 -7.81
C LEU A 87 -16.15 1.82 -9.21
N HIS A 88 -17.12 2.08 -10.08
CA HIS A 88 -17.14 1.61 -11.46
C HIS A 88 -16.91 2.79 -12.39
N GLY A 89 -16.62 2.47 -13.65
CA GLY A 89 -16.57 3.52 -14.67
C GLY A 89 -15.37 4.45 -14.63
N LEU A 90 -14.27 4.03 -14.01
CA LEU A 90 -13.09 4.89 -13.92
C LEU A 90 -12.45 5.14 -15.28
N THR A 91 -12.48 4.15 -16.18
CA THR A 91 -11.77 4.28 -17.46
C THR A 91 -12.47 3.42 -18.50
N THR A 92 -11.85 3.31 -19.67
CA THR A 92 -12.39 2.53 -20.77
C THR A 92 -11.29 1.63 -21.32
N GLU A 93 -11.68 0.63 -22.11
CA GLU A 93 -10.66 -0.25 -22.65
C GLU A 93 -9.69 0.50 -23.56
N GLU A 94 -10.15 1.52 -24.30
CA GLU A 94 -9.25 2.31 -25.15
C GLU A 94 -8.29 3.16 -24.34
N GLU A 95 -8.80 3.82 -23.30
CA GLU A 95 -7.95 4.73 -22.53
C GLU A 95 -6.98 3.97 -21.62
N PHE A 96 -7.34 2.74 -21.22
CA PHE A 96 -6.59 1.96 -20.22
C PHE A 96 -5.50 1.14 -20.90
N VAL A 97 -4.49 1.85 -21.37
CA VAL A 97 -3.36 1.26 -22.08
C VAL A 97 -2.39 0.61 -21.10
N GLU A 98 -1.38 -0.10 -21.63
CA GLU A 98 -0.28 -0.59 -20.80
C GLU A 98 0.33 0.55 -20.00
N GLY A 99 0.79 0.21 -18.82
CA GLY A 99 1.54 1.16 -18.03
C GLY A 99 1.57 0.72 -16.59
N ILE A 100 2.20 1.54 -15.76
CA ILE A 100 2.18 1.32 -14.33
C ILE A 100 1.20 2.31 -13.74
N TYR A 101 0.25 1.79 -12.97
CA TYR A 101 -0.82 2.57 -12.40
C TYR A 101 -0.70 2.53 -10.89
N LYS A 102 -1.17 3.60 -10.26
CA LYS A 102 -1.23 3.67 -8.81
C LYS A 102 -2.64 4.10 -8.44
N VAL A 103 -3.23 3.39 -7.49
CA VAL A 103 -4.54 3.69 -6.90
C VAL A 103 -4.25 4.13 -5.47
N GLU A 104 -4.55 5.38 -5.15
CA GLU A 104 -4.38 5.92 -3.81
C GLU A 104 -5.77 6.02 -3.18
N ILE A 105 -6.04 5.19 -2.19
CA ILE A 105 -7.36 5.13 -1.58
C ILE A 105 -7.31 5.96 -0.31
N ASP A 106 -8.19 6.96 -0.20
CA ASP A 106 -8.10 7.88 0.92
C ASP A 106 -8.79 7.26 2.14
N THR A 107 -8.07 6.32 2.78
CA THR A 107 -8.63 5.66 3.96
C THR A 107 -8.63 6.59 5.16
N LYS A 108 -7.68 7.53 5.25
CA LYS A 108 -7.65 8.42 6.40
C LYS A 108 -8.96 9.19 6.54
N SER A 109 -9.42 9.84 5.46
CA SER A 109 -10.66 10.63 5.54
C SER A 109 -11.82 9.75 5.94
N TYR A 110 -11.90 8.55 5.36
CA TYR A 110 -12.96 7.61 5.71
C TYR A 110 -13.01 7.36 7.21
N TRP A 111 -11.88 7.00 7.81
CA TRP A 111 -11.88 6.67 9.24
C TRP A 111 -12.19 7.91 10.08
N LYS A 112 -11.70 9.07 9.66
CA LYS A 112 -11.87 10.26 10.50
C LYS A 112 -13.34 10.66 10.60
N ALA A 113 -14.05 10.64 9.46
CA ALA A 113 -15.49 10.84 9.45
C ALA A 113 -16.24 9.88 10.36
N LEU A 114 -15.64 8.75 10.72
CA LEU A 114 -16.23 7.83 11.69
C LEU A 114 -15.68 8.06 13.11
N GLY A 115 -14.93 9.14 13.32
CA GLY A 115 -14.39 9.43 14.63
C GLY A 115 -13.21 8.58 15.04
N ILE A 116 -12.58 7.93 14.07
CA ILE A 116 -11.42 7.08 14.33
C ILE A 116 -10.19 7.76 13.75
N SER A 117 -9.11 7.76 14.51
CA SER A 117 -7.83 8.29 14.07
C SER A 117 -7.00 7.11 13.57
N PRO A 118 -6.88 6.91 12.26
CA PRO A 118 -6.22 5.72 11.72
C PRO A 118 -4.71 5.90 11.64
N PHE A 119 -4.03 4.79 11.41
CA PHE A 119 -2.59 4.79 11.28
C PHE A 119 -2.16 5.29 9.90
N HIS A 120 -2.75 4.75 8.84
CA HIS A 120 -2.24 5.01 7.51
C HIS A 120 -2.81 6.31 6.94
N GLU A 121 -2.00 6.96 6.08
CA GLU A 121 -2.49 8.14 5.37
C GLU A 121 -3.45 7.73 4.27
N HIS A 122 -3.12 6.66 3.58
CA HIS A 122 -3.93 6.16 2.49
C HIS A 122 -3.43 4.76 2.19
N ALA A 123 -4.26 3.98 1.51
CA ALA A 123 -3.83 2.69 0.98
C ALA A 123 -3.40 2.91 -0.47
N GLU A 124 -2.22 2.42 -0.82
CA GLU A 124 -1.60 2.73 -2.12
C GLU A 124 -1.33 1.42 -2.86
N VAL A 125 -1.97 1.21 -4.02
CA VAL A 125 -1.85 -0.03 -4.79
C VAL A 125 -1.17 0.29 -6.12
N VAL A 126 0.01 -0.29 -6.38
CA VAL A 126 0.80 0.03 -7.57
C VAL A 126 1.05 -1.24 -8.37
N PHE A 127 0.75 -1.21 -9.67
CA PHE A 127 0.81 -2.43 -10.46
C PHE A 127 0.97 -2.10 -11.93
N THR A 128 1.58 -3.03 -12.67
CA THR A 128 1.63 -2.97 -14.12
C THR A 128 0.34 -3.54 -14.71
N ALA A 129 -0.28 -2.82 -15.63
CA ALA A 129 -1.53 -3.28 -16.21
C ALA A 129 -1.37 -3.54 -17.70
N ASN A 130 -2.04 -4.59 -18.20
CA ASN A 130 -2.21 -4.85 -19.62
C ASN A 130 -0.90 -5.20 -20.33
N ASP A 131 0.08 -5.67 -19.58
CA ASP A 131 1.36 -6.01 -20.20
C ASP A 131 1.23 -7.14 -21.23
N SER A 132 0.28 -8.06 -21.02
CA SER A 132 0.05 -9.18 -21.94
C SER A 132 -1.26 -9.01 -22.69
N GLY A 133 -1.62 -7.78 -23.02
CA GLY A 133 -2.91 -7.54 -23.61
C GLY A 133 -3.92 -7.16 -22.56
N PRO A 134 -5.12 -6.76 -23.00
CA PRO A 134 -6.11 -6.21 -22.06
C PRO A 134 -6.57 -7.25 -21.04
N ARG A 135 -6.75 -6.79 -19.81
CA ARG A 135 -7.37 -7.59 -18.75
C ARG A 135 -8.43 -6.75 -18.07
N ARG A 136 -9.29 -7.39 -17.28
CA ARG A 136 -10.18 -6.67 -16.37
C ARG A 136 -9.59 -6.80 -14.98
N TYR A 137 -9.51 -5.68 -14.24
CA TYR A 137 -8.89 -5.65 -12.92
C TYR A 137 -9.90 -5.20 -11.90
N THR A 138 -10.08 -6.01 -10.85
CA THR A 138 -10.77 -5.57 -9.64
C THR A 138 -9.72 -5.43 -8.55
N ILE A 139 -9.60 -4.23 -8.00
CA ILE A 139 -8.69 -3.92 -6.91
C ILE A 139 -9.56 -3.88 -5.67
N ALA A 140 -9.29 -4.73 -4.69
CA ALA A 140 -10.12 -4.77 -3.50
C ALA A 140 -9.26 -4.37 -2.31
N ALA A 141 -9.86 -3.65 -1.36
CA ALA A 141 -9.21 -3.29 -0.10
C ALA A 141 -10.16 -3.56 1.07
N LEU A 142 -9.61 -4.10 2.15
CA LEU A 142 -10.36 -4.38 3.37
C LEU A 142 -9.67 -3.56 4.45
N LEU A 143 -10.42 -2.72 5.16
CA LEU A 143 -9.83 -1.67 5.97
C LEU A 143 -10.12 -1.88 7.45
N SER A 144 -9.09 -1.72 8.27
CA SER A 144 -9.23 -1.53 9.72
C SER A 144 -8.42 -0.31 10.09
N PRO A 145 -8.64 0.25 11.29
CA PRO A 145 -7.93 1.50 11.64
C PRO A 145 -6.42 1.39 11.56
N TYR A 146 -5.83 0.25 11.93
CA TYR A 146 -4.38 0.10 11.94
C TYR A 146 -3.88 -0.90 10.91
N SER A 147 -4.73 -1.32 9.98
CA SER A 147 -4.35 -2.41 9.11
C SER A 147 -5.21 -2.35 7.87
N TYR A 148 -4.66 -2.81 6.74
CA TYR A 148 -5.49 -3.06 5.56
C TYR A 148 -4.88 -4.19 4.75
N SER A 149 -5.72 -4.83 3.95
CA SER A 149 -5.28 -5.82 2.99
C SER A 149 -5.74 -5.36 1.63
N THR A 150 -5.01 -5.76 0.60
CA THR A 150 -5.44 -5.45 -0.75
C THR A 150 -5.17 -6.68 -1.61
N THR A 151 -6.06 -6.94 -2.55
CA THR A 151 -5.88 -8.06 -3.44
C THR A 151 -6.34 -7.61 -4.80
N ALA A 152 -6.01 -8.36 -5.82
CA ALA A 152 -6.48 -8.04 -7.16
C ALA A 152 -7.05 -9.30 -7.77
N VAL A 153 -8.20 -9.16 -8.42
CA VAL A 153 -8.82 -10.24 -9.18
C VAL A 153 -8.71 -9.82 -10.64
N VAL A 154 -7.96 -10.59 -11.43
CA VAL A 154 -7.60 -10.24 -12.79
C VAL A 154 -8.20 -11.30 -13.69
N THR A 155 -9.03 -10.89 -14.65
CA THR A 155 -9.68 -11.84 -15.54
C THR A 155 -9.46 -11.43 -16.99
N ASN A 156 -9.61 -12.40 -17.88
CA ASN A 156 -9.42 -12.18 -19.31
C ASN A 156 -10.76 -12.03 -20.03
N CYS B 42 15.25 1.01 19.11
CA CYS B 42 14.69 0.79 17.78
C CYS B 42 13.25 1.31 17.76
N PRO B 43 13.08 2.58 17.40
CA PRO B 43 11.72 3.14 17.33
C PRO B 43 10.92 2.70 16.13
N LEU B 44 11.56 2.07 15.14
CA LEU B 44 10.87 1.71 13.90
C LEU B 44 11.51 0.44 13.34
N MET B 45 10.71 -0.60 13.17
CA MET B 45 11.16 -1.90 12.69
C MET B 45 10.15 -2.40 11.65
N VAL B 46 10.61 -3.19 10.69
CA VAL B 46 9.75 -3.76 9.65
C VAL B 46 9.89 -5.27 9.67
N LYS B 47 8.79 -5.98 9.57
CA LYS B 47 8.78 -7.42 9.46
C LYS B 47 7.93 -7.91 8.32
N VAL B 48 8.44 -8.84 7.55
CA VAL B 48 7.79 -9.28 6.32
C VAL B 48 7.66 -10.80 6.35
N LEU B 49 6.43 -11.30 6.13
CA LEU B 49 6.14 -12.72 6.11
C LEU B 49 5.69 -13.12 4.71
N ASP B 50 5.89 -14.40 4.39
CA ASP B 50 5.50 -14.99 3.11
C ASP B 50 4.32 -15.95 3.37
N ALA B 51 3.18 -15.68 2.74
CA ALA B 51 1.96 -16.48 2.91
C ALA B 51 1.92 -17.71 2.01
N VAL B 52 2.79 -17.78 0.99
CA VAL B 52 2.82 -18.97 0.14
C VAL B 52 3.67 -20.06 0.78
N ARG B 53 4.79 -19.67 1.39
CA ARG B 53 5.73 -20.63 1.94
C ARG B 53 5.61 -20.78 3.45
N GLY B 54 4.83 -19.93 4.10
CA GLY B 54 4.69 -20.01 5.55
C GLY B 54 5.98 -19.73 6.30
N SER B 55 6.64 -18.62 5.97
CA SER B 55 7.97 -18.39 6.48
C SER B 55 8.21 -16.89 6.52
N PRO B 56 9.24 -16.45 7.25
CA PRO B 56 9.69 -15.06 7.07
C PRO B 56 10.09 -14.85 5.63
N ALA B 57 9.90 -13.60 5.15
CA ALA B 57 10.32 -13.21 3.81
C ALA B 57 11.74 -12.64 3.91
N ILE B 58 12.72 -13.40 3.48
CA ILE B 58 14.12 -13.12 3.73
C ILE B 58 14.70 -12.34 2.56
N ASN B 59 15.58 -11.39 2.87
CA ASN B 59 16.31 -10.67 1.83
C ASN B 59 15.42 -9.75 1.02
N VAL B 60 14.36 -9.27 1.64
CA VAL B 60 13.45 -8.34 0.98
C VAL B 60 14.01 -6.94 1.14
N ALA B 61 14.22 -6.24 0.02
CA ALA B 61 14.73 -4.88 0.04
C ALA B 61 13.59 -3.89 0.26
N MET B 62 13.89 -2.81 0.98
CA MET B 62 12.92 -1.75 1.16
C MET B 62 13.58 -0.41 1.41
N HIS B 63 12.88 0.66 1.05
CA HIS B 63 13.33 2.03 1.33
C HIS B 63 12.28 2.76 2.16
N VAL B 64 12.73 3.57 3.10
CA VAL B 64 11.84 4.42 3.89
C VAL B 64 12.06 5.87 3.45
N PHE B 65 10.96 6.58 3.23
CA PHE B 65 11.00 7.97 2.79
C PHE B 65 10.24 8.82 3.79
N ARG B 66 10.64 10.08 3.90
CA ARG B 66 9.95 11.04 4.72
C ARG B 66 9.41 12.14 3.81
N LYS B 67 8.18 12.56 4.07
CA LYS B 67 7.57 13.58 3.21
C LYS B 67 8.20 14.92 3.48
N ALA B 68 8.67 15.58 2.42
CA ALA B 68 9.32 16.88 2.52
C ALA B 68 8.31 18.01 2.33
N ALA B 69 8.78 19.24 2.60
CA ALA B 69 7.91 20.41 2.58
C ALA B 69 7.18 20.58 1.25
N ASP B 70 7.87 20.28 0.14
CA ASP B 70 7.30 20.44 -1.19
C ASP B 70 6.56 19.20 -1.70
N ASP B 71 6.11 18.32 -0.79
CA ASP B 71 5.40 17.09 -1.12
C ASP B 71 6.26 16.04 -1.81
N THR B 72 7.58 16.20 -1.82
CA THR B 72 8.43 15.17 -2.38
C THR B 72 8.78 14.14 -1.31
N TRP B 73 9.22 12.96 -1.76
CA TRP B 73 9.61 11.87 -0.86
C TRP B 73 11.13 11.87 -0.73
N GLU B 74 11.63 12.15 0.47
CA GLU B 74 13.08 12.08 0.46
C GLU B 74 13.58 10.84 1.18
N PRO B 75 14.62 10.21 0.65
CA PRO B 75 15.17 9.01 1.27
C PRO B 75 15.51 9.27 2.73
N PHE B 76 15.14 8.31 3.56
CA PHE B 76 15.34 8.38 5.00
C PHE B 76 16.19 7.22 5.50
N ALA B 77 15.86 6.00 5.11
CA ALA B 77 16.56 4.79 5.52
C ALA B 77 16.20 3.65 4.58
N SER B 78 17.01 2.58 4.61
CA SER B 78 16.73 1.42 3.77
C SER B 78 17.52 0.23 4.28
N GLY B 79 17.19 -0.96 3.76
CA GLY B 79 17.85 -2.18 4.17
C GLY B 79 17.16 -3.40 3.57
N LYS B 80 17.64 -4.57 3.98
CA LYS B 80 17.06 -5.84 3.56
C LYS B 80 16.67 -6.64 4.78
N THR B 81 15.52 -7.34 4.72
CA THR B 81 15.10 -8.12 5.88
C THR B 81 16.08 -9.25 6.16
N SER B 82 16.15 -9.65 7.42
CA SER B 82 17.07 -10.70 7.86
C SER B 82 16.45 -12.08 7.65
N GLU B 83 17.11 -13.12 8.15
CA GLU B 83 16.59 -14.48 8.07
C GLU B 83 15.34 -14.66 8.92
N SER B 84 15.07 -13.74 9.83
CA SER B 84 13.83 -13.70 10.58
C SER B 84 12.79 -12.82 9.90
N GLY B 85 13.11 -12.32 8.70
CA GLY B 85 12.20 -11.45 7.99
C GLY B 85 12.09 -10.05 8.56
N GLU B 86 12.98 -9.68 9.47
CA GLU B 86 12.92 -8.40 10.17
C GLU B 86 14.03 -7.48 9.70
N LEU B 87 13.75 -6.19 9.74
CA LEU B 87 14.74 -5.17 9.41
C LEU B 87 14.76 -4.20 10.59
N HIS B 88 15.87 -4.20 11.33
CA HIS B 88 16.07 -3.40 12.54
C HIS B 88 17.10 -2.29 12.27
N GLY B 89 17.20 -1.36 13.21
CA GLY B 89 18.19 -0.29 13.09
C GLY B 89 17.99 0.73 11.99
N LEU B 90 16.76 0.93 11.54
CA LEU B 90 16.52 1.88 10.46
C LEU B 90 16.81 3.32 10.90
N THR B 91 16.43 3.69 12.12
CA THR B 91 16.56 5.09 12.54
C THR B 91 16.84 5.12 14.04
N THR B 92 16.90 6.33 14.59
CA THR B 92 17.04 6.50 16.03
C THR B 92 15.90 7.37 16.53
N GLU B 93 15.71 7.39 17.84
CA GLU B 93 14.63 8.19 18.41
C GLU B 93 14.80 9.67 18.08
N GLU B 94 16.05 10.18 18.11
CA GLU B 94 16.28 11.60 17.82
C GLU B 94 15.88 11.97 16.39
N GLU B 95 16.21 11.11 15.42
CA GLU B 95 15.95 11.41 14.02
C GLU B 95 14.51 11.17 13.60
N PHE B 96 13.81 10.27 14.29
CA PHE B 96 12.47 9.81 13.90
C PHE B 96 11.44 10.77 14.49
N VAL B 97 11.31 11.92 13.85
CA VAL B 97 10.41 12.97 14.32
C VAL B 97 9.02 12.79 13.71
N GLU B 98 8.02 13.47 14.26
CA GLU B 98 6.68 13.48 13.69
C GLU B 98 6.73 13.88 12.22
N GLY B 99 5.84 13.29 11.45
CA GLY B 99 5.77 13.53 10.02
C GLY B 99 5.16 12.33 9.32
N ILE B 100 5.10 12.43 8.00
CA ILE B 100 4.54 11.38 7.15
C ILE B 100 5.69 10.58 6.55
N TYR B 101 5.59 9.26 6.66
CA TYR B 101 6.65 8.36 6.22
C TYR B 101 6.05 7.35 5.26
N LYS B 102 6.88 6.89 4.33
CA LYS B 102 6.47 5.89 3.37
C LYS B 102 7.51 4.79 3.39
N VAL B 103 7.05 3.56 3.60
CA VAL B 103 7.89 2.38 3.47
C VAL B 103 7.52 1.72 2.15
N GLU B 104 8.49 1.59 1.26
CA GLU B 104 8.26 1.02 -0.06
C GLU B 104 9.01 -0.30 -0.12
N ILE B 105 8.27 -1.40 -0.18
CA ILE B 105 8.82 -2.73 -0.02
C ILE B 105 8.94 -3.38 -1.39
N ASP B 106 10.13 -3.85 -1.76
CA ASP B 106 10.31 -4.38 -3.13
C ASP B 106 9.82 -5.81 -3.21
N THR B 107 8.49 -5.95 -3.23
CA THR B 107 7.92 -7.29 -3.24
C THR B 107 8.06 -7.95 -4.60
N LYS B 108 8.13 -7.15 -5.66
CA LYS B 108 8.23 -7.71 -7.01
C LYS B 108 9.50 -8.54 -7.15
N SER B 109 10.65 -8.00 -6.73
CA SER B 109 11.90 -8.74 -6.83
C SER B 109 11.88 -9.99 -5.96
N TYR B 110 11.20 -9.93 -4.82
CA TYR B 110 11.12 -11.08 -3.94
C TYR B 110 10.45 -12.26 -4.66
N TRP B 111 9.30 -12.00 -5.30
CA TRP B 111 8.57 -13.06 -6.01
C TRP B 111 9.32 -13.52 -7.25
N LYS B 112 9.92 -12.59 -8.00
CA LYS B 112 10.73 -12.97 -9.16
C LYS B 112 11.83 -13.94 -8.78
N ALA B 113 12.45 -13.73 -7.63
CA ALA B 113 13.53 -14.61 -7.19
C ALA B 113 13.04 -16.00 -6.83
N LEU B 114 11.75 -16.14 -6.54
CA LEU B 114 11.13 -17.43 -6.29
C LEU B 114 10.50 -18.00 -7.54
N GLY B 115 10.53 -17.26 -8.65
CA GLY B 115 9.93 -17.72 -9.88
C GLY B 115 8.42 -17.62 -9.92
N ILE B 116 7.85 -16.65 -9.21
CA ILE B 116 6.40 -16.53 -9.03
C ILE B 116 5.98 -15.17 -9.54
N SER B 117 5.00 -15.15 -10.43
CA SER B 117 4.58 -13.96 -11.14
C SER B 117 3.74 -13.08 -10.23
N PRO B 118 4.23 -11.89 -9.82
CA PRO B 118 3.47 -11.08 -8.85
C PRO B 118 2.61 -10.02 -9.49
N PHE B 119 1.62 -9.53 -8.75
CA PHE B 119 0.78 -8.46 -9.27
C PHE B 119 1.37 -7.07 -9.03
N HIS B 120 1.83 -6.80 -7.80
CA HIS B 120 2.20 -5.45 -7.42
C HIS B 120 3.63 -5.12 -7.83
N GLU B 121 3.85 -3.84 -8.15
CA GLU B 121 5.20 -3.36 -8.37
C GLU B 121 5.98 -3.33 -7.05
N HIS B 122 5.34 -2.88 -5.97
CA HIS B 122 5.88 -2.91 -4.62
C HIS B 122 4.71 -2.83 -3.66
N ALA B 123 5.00 -2.99 -2.39
CA ALA B 123 4.03 -2.76 -1.33
C ALA B 123 4.39 -1.44 -0.68
N GLU B 124 3.41 -0.54 -0.54
CA GLU B 124 3.65 0.79 0.00
C GLU B 124 2.93 0.93 1.32
N VAL B 125 3.59 1.52 2.32
CA VAL B 125 2.95 1.73 3.61
C VAL B 125 3.21 3.18 3.98
N VAL B 126 2.16 4.00 3.99
CA VAL B 126 2.29 5.44 4.22
C VAL B 126 1.53 5.76 5.49
N PHE B 127 2.22 6.38 6.45
CA PHE B 127 1.61 6.58 7.76
C PHE B 127 2.15 7.87 8.36
N THR B 128 1.38 8.44 9.29
CA THR B 128 1.85 9.57 10.08
C THR B 128 2.43 9.03 11.38
N ALA B 129 3.61 9.51 11.75
CA ALA B 129 4.18 9.24 13.05
C ALA B 129 3.77 10.37 13.99
N ASN B 130 3.15 10.00 15.12
CA ASN B 130 2.63 10.94 16.11
C ASN B 130 3.33 10.74 17.44
N ASP B 131 3.65 11.85 18.11
CA ASP B 131 4.17 11.81 19.47
C ASP B 131 2.97 11.85 20.41
N SER B 132 2.63 10.70 20.97
CA SER B 132 1.63 10.64 22.03
C SER B 132 2.09 9.49 22.93
N GLY B 133 2.92 9.83 23.92
CA GLY B 133 3.57 8.85 24.74
C GLY B 133 4.77 8.24 24.04
N PRO B 134 5.63 7.54 24.79
CA PRO B 134 6.70 6.76 24.16
C PRO B 134 6.10 5.65 23.30
N ARG B 135 6.39 5.69 22.00
CA ARG B 135 5.88 4.75 21.03
C ARG B 135 7.03 4.09 20.28
N ARG B 136 6.92 2.78 20.09
CA ARG B 136 7.77 2.05 19.16
C ARG B 136 6.88 1.41 18.10
N TYR B 137 7.30 1.51 16.85
CA TYR B 137 6.48 1.12 15.71
C TYR B 137 7.07 -0.13 15.07
N THR B 138 6.25 -1.15 14.91
CA THR B 138 6.55 -2.24 13.98
C THR B 138 5.55 -2.19 12.84
N ILE B 139 6.07 -2.06 11.63
CA ILE B 139 5.29 -2.12 10.40
C ILE B 139 5.42 -3.56 9.92
N ALA B 140 4.32 -4.28 9.75
CA ALA B 140 4.44 -5.65 9.30
C ALA B 140 3.72 -5.80 7.96
N ALA B 141 4.19 -6.72 7.14
CA ALA B 141 3.56 -7.00 5.86
C ALA B 141 3.53 -8.49 5.63
N LEU B 142 2.40 -8.98 5.12
CA LEU B 142 2.22 -10.39 4.82
C LEU B 142 1.99 -10.48 3.32
N LEU B 143 2.84 -11.21 2.62
CA LEU B 143 2.85 -11.12 1.16
C LEU B 143 2.30 -12.40 0.53
N SER B 144 1.48 -12.20 -0.50
CA SER B 144 1.12 -13.21 -1.49
C SER B 144 1.34 -12.60 -2.86
N PRO B 145 1.43 -13.42 -3.90
CA PRO B 145 1.68 -12.86 -5.25
C PRO B 145 0.67 -11.82 -5.68
N TYR B 146 -0.62 -12.02 -5.40
CA TYR B 146 -1.66 -11.12 -5.83
C TYR B 146 -2.31 -10.35 -4.69
N SER B 147 -1.73 -10.37 -3.50
CA SER B 147 -2.39 -9.74 -2.37
C SER B 147 -1.35 -9.45 -1.32
N TYR B 148 -1.53 -8.37 -0.58
CA TYR B 148 -0.72 -8.19 0.62
C TYR B 148 -1.54 -7.51 1.71
N SER B 149 -1.10 -7.72 2.96
CA SER B 149 -1.69 -7.09 4.13
C SER B 149 -0.60 -6.37 4.87
N THR B 150 -0.95 -5.26 5.51
CA THR B 150 0.00 -4.58 6.36
C THR B 150 -0.72 -4.15 7.63
N THR B 151 0.00 -4.15 8.74
CA THR B 151 -0.60 -3.65 9.97
C THR B 151 0.51 -2.99 10.75
N ALA B 152 0.11 -2.25 11.76
CA ALA B 152 1.07 -1.56 12.62
C ALA B 152 0.84 -2.08 14.02
N VAL B 153 1.93 -2.47 14.67
CA VAL B 153 1.90 -2.84 16.08
C VAL B 153 2.67 -1.74 16.79
N VAL B 154 1.94 -0.86 17.47
CA VAL B 154 2.50 0.33 18.11
C VAL B 154 2.45 0.09 19.60
N THR B 155 3.61 0.13 20.26
CA THR B 155 3.69 -0.19 21.67
C THR B 155 4.61 0.81 22.38
N ASN B 156 4.57 0.76 23.71
CA ASN B 156 5.35 1.65 24.54
C ASN B 156 6.61 0.92 25.05
CAA PJO C . -10.26 -8.67 0.73
CAC PJO C . -11.06 -9.53 0.07
CAD PJO C . -11.26 -10.57 0.90
CAE PJO C . -10.62 -10.32 2.06
CAF PJO C . -11.44 -9.35 -1.22
CAG PJO C . -12.75 -9.38 -1.71
CAH PJO C . -12.87 -9.27 -3.12
CAI PJO C . -13.91 -9.45 -0.93
CAJ PJO C . -14.10 -9.28 -3.80
CAK PJO C . -15.14 -9.45 -1.60
CAL PJO C . -15.22 -9.37 -2.98
CAQ PJO C . -11.95 -11.69 0.76
CAR PJO C . -12.02 -12.59 1.81
CAS PJO C . -10.66 -11.16 3.09
CAT PJO C . -11.37 -12.34 3.01
CAU PJO C . -9.71 -7.35 0.23
CAV PJO C . -8.20 -7.39 0.47
IAN PJO C . -14.26 -9.16 -5.99
IAP PJO C . -16.91 -9.60 -0.47
OAB PJO C . -9.98 -9.13 1.96
OAM PJO C . -10.59 -9.08 -2.05
OAO PJO C . -16.46 -9.37 -3.57
CAA PJO D . 0.19 -9.57 9.61
CAC PJO D . 0.22 -10.04 10.87
CAD PJO D . -0.62 -11.10 10.90
CAE PJO D . -1.12 -11.30 9.65
CAF PJO D . 0.90 -9.44 11.89
CAG PJO D . 2.03 -9.97 12.54
CAH PJO D . 2.81 -9.13 13.36
CAI PJO D . 2.45 -11.29 12.41
CAJ PJO D . 3.98 -9.53 14.05
CAK PJO D . 3.60 -11.70 13.08
CAL PJO D . 4.40 -10.88 13.87
CAQ PJO D . -0.97 -11.92 11.88
CAR PJO D . -1.85 -12.96 11.62
CAS PJO D . -1.96 -12.30 9.36
CAT PJO D . -2.36 -13.18 10.35
CAU PJO D . 0.94 -8.39 9.02
CAV PJO D . 0.00 -7.83 7.94
IAN PJO D . 4.97 -8.04 15.34
IAP PJO D . 4.16 -13.65 12.96
OAB PJO D . -0.63 -10.35 8.82
OAM PJO D . 0.60 -8.28 12.18
OAO PJO D . 5.62 -11.44 14.45
#